data_7VNX
#
_entry.id   7VNX
#
_cell.length_a   66.850
_cell.length_b   66.850
_cell.length_c   98.280
_cell.angle_alpha   90.000
_cell.angle_beta   90.000
_cell.angle_gamma   120.000
#
_symmetry.space_group_name_H-M   'P 61'
#
loop_
_entity.id
_entity.type
_entity.pdbx_description
1 polymer TkArkI
2 non-polymer GUANOSINE
3 water water
#
_entity_poly.entity_id   1
_entity_poly.type   'polypeptide(L)'
_entity_poly.pdbx_seq_one_letter_code
;ENLYFQGMTFEHIISSKRLEGFLRHLAEEGVGGVEPLAKGTTSLVFTGVLGGRKVVIKLQRPDSPRSNFEKEAELTKIAS
TFGVTPPIIGLGEFEGLPYLIREFAEGEPILFADVEKEHLFRIVEKTALLDRLGIDHGQIQGGKHIIIGEDVYLIDFEKA
GFRKPNNLTSAMAMIFIGENAISKRVREKFGLDEKFREEMKDALRHYKRTGSLSRLLSLLSGL
;
_entity_poly.pdbx_strand_id   A
#
loop_
_chem_comp.id
_chem_comp.type
_chem_comp.name
_chem_comp.formula
GMP non-polymer GUANOSINE 'C10 H13 N5 O5'
#
# COMPACT_ATOMS: atom_id res chain seq x y z
N MET A 8 -14.31 -16.25 -1.92
CA MET A 8 -13.21 -16.60 -2.82
C MET A 8 -12.41 -17.79 -2.29
N THR A 9 -12.05 -18.68 -3.20
CA THR A 9 -11.26 -19.84 -2.83
C THR A 9 -10.07 -19.95 -3.77
N PHE A 10 -9.11 -20.75 -3.33
CA PHE A 10 -7.79 -20.88 -3.95
C PHE A 10 -7.58 -22.29 -4.51
N GLU A 11 -8.67 -23.01 -4.85
CA GLU A 11 -8.54 -24.45 -5.10
C GLU A 11 -7.86 -24.79 -6.42
N HIS A 12 -7.72 -23.84 -7.34
CA HIS A 12 -6.95 -24.17 -8.53
C HIS A 12 -5.46 -23.99 -8.33
N ILE A 13 -5.05 -23.61 -7.12
CA ILE A 13 -3.68 -23.25 -6.82
C ILE A 13 -3.10 -24.14 -5.73
N ILE A 14 -3.88 -24.45 -4.68
CA ILE A 14 -3.43 -25.30 -3.60
C ILE A 14 -4.46 -26.40 -3.35
N SER A 15 -3.97 -27.56 -2.94
CA SER A 15 -4.88 -28.64 -2.57
C SER A 15 -5.62 -28.27 -1.30
N SER A 16 -6.72 -29.00 -1.05
CA SER A 16 -7.42 -28.80 0.19
C SER A 16 -6.55 -29.18 1.38
N LYS A 17 -5.69 -30.19 1.22
CA LYS A 17 -4.83 -30.59 2.34
C LYS A 17 -3.77 -29.52 2.63
N ARG A 18 -3.21 -28.92 1.59
CA ARG A 18 -2.24 -27.84 1.79
C ARG A 18 -2.87 -26.68 2.53
N LEU A 19 -4.11 -26.30 2.17
CA LEU A 19 -4.77 -25.20 2.87
C LEU A 19 -5.03 -25.55 4.33
N GLU A 20 -5.54 -26.78 4.58
CA GLU A 20 -5.79 -27.22 5.95
C GLU A 20 -4.51 -27.14 6.78
N GLY A 21 -3.39 -27.64 6.20
CA GLY A 21 -2.11 -27.63 6.90
C GLY A 21 -1.61 -26.21 7.16
N PHE A 22 -1.80 -25.34 6.18
CA PHE A 22 -1.37 -23.95 6.35
C PHE A 22 -2.12 -23.27 7.49
N LEU A 23 -3.45 -23.45 7.56
CA LEU A 23 -4.20 -22.86 8.66
C LEU A 23 -3.75 -23.42 10.01
N ARG A 24 -3.45 -24.72 10.08
CA ARG A 24 -2.95 -25.30 11.33
C ARG A 24 -1.59 -24.74 11.70
N HIS A 25 -0.73 -24.57 10.70
CA HIS A 25 0.59 -24.00 10.91
C HIS A 25 0.49 -22.58 11.47
N LEU A 26 -0.35 -21.74 10.85
CA LEU A 26 -0.60 -20.41 11.40
C LEU A 26 -1.15 -20.45 12.82
N ALA A 27 -2.11 -21.33 13.06
CA ALA A 27 -2.65 -21.47 14.41
C ALA A 27 -1.54 -21.76 15.41
N GLU A 28 -0.57 -22.59 15.03
CA GLU A 28 0.52 -22.93 15.93
C GLU A 28 1.44 -21.76 16.20
N GLU A 29 1.41 -20.72 15.37
CA GLU A 29 2.14 -19.49 15.67
C GLU A 29 1.24 -18.45 16.28
N GLY A 30 0.06 -18.85 16.74
CA GLY A 30 -0.86 -17.94 17.39
C GLY A 30 -1.82 -17.19 16.49
N VAL A 31 -1.84 -17.49 15.18
CA VAL A 31 -2.67 -16.75 14.22
C VAL A 31 -3.96 -17.53 14.00
N GLY A 32 -5.10 -16.94 14.39
CA GLY A 32 -6.37 -17.63 14.38
C GLY A 32 -7.39 -16.85 13.55
N GLY A 33 -8.57 -17.43 13.41
CA GLY A 33 -9.67 -16.76 12.70
C GLY A 33 -9.26 -16.35 11.30
N VAL A 34 -8.53 -17.22 10.59
CA VAL A 34 -7.93 -16.88 9.30
C VAL A 34 -8.99 -16.99 8.21
N GLU A 35 -9.06 -15.97 7.35
CA GLU A 35 -10.02 -15.88 6.25
C GLU A 35 -9.29 -15.44 4.97
N PRO A 36 -9.69 -15.96 3.82
CA PRO A 36 -9.08 -15.48 2.57
C PRO A 36 -9.40 -14.02 2.34
N LEU A 37 -8.43 -13.30 1.78
CA LEU A 37 -8.63 -11.89 1.47
C LEU A 37 -8.49 -11.59 -0.01
N ALA A 38 -7.43 -12.06 -0.68
CA ALA A 38 -7.28 -11.78 -2.10
C ALA A 38 -6.26 -12.76 -2.70
N LYS A 39 -6.32 -12.89 -4.03
CA LYS A 39 -5.32 -13.61 -4.82
C LYS A 39 -4.49 -12.58 -5.60
N GLY A 40 -3.20 -12.46 -5.31
CA GLY A 40 -2.34 -11.55 -6.05
C GLY A 40 -1.59 -12.27 -7.16
N THR A 41 -0.75 -11.52 -7.88
CA THR A 41 0.05 -12.19 -8.91
C THR A 41 1.16 -13.01 -8.29
N THR A 42 1.62 -12.65 -7.09
CA THR A 42 2.70 -13.37 -6.45
C THR A 42 2.25 -14.19 -5.26
N SER A 43 1.05 -13.95 -4.73
CA SER A 43 0.79 -14.44 -3.39
C SER A 43 -0.70 -14.71 -3.19
N LEU A 44 -0.99 -15.54 -2.20
CA LEU A 44 -2.34 -15.71 -1.66
C LEU A 44 -2.39 -14.90 -0.38
N VAL A 45 -3.44 -14.09 -0.22
CA VAL A 45 -3.49 -13.14 0.90
C VAL A 45 -4.66 -13.53 1.81
N PHE A 46 -4.38 -13.57 3.11
CA PHE A 46 -5.35 -13.89 4.15
C PHE A 46 -5.37 -12.79 5.20
N THR A 47 -6.46 -12.74 5.98
CA THR A 47 -6.41 -11.98 7.24
C THR A 47 -6.50 -12.96 8.41
N GLY A 48 -6.06 -12.51 9.58
CA GLY A 48 -6.18 -13.33 10.77
C GLY A 48 -6.11 -12.46 11.99
N VAL A 49 -6.07 -13.12 13.15
CA VAL A 49 -5.97 -12.48 14.45
C VAL A 49 -4.77 -13.06 15.20
N LEU A 50 -3.89 -12.18 15.68
CA LEU A 50 -2.68 -12.54 16.43
C LEU A 50 -2.60 -11.62 17.65
N GLY A 51 -2.49 -12.21 18.84
CA GLY A 51 -2.38 -11.37 20.02
C GLY A 51 -3.53 -10.41 20.20
N GLY A 52 -4.72 -10.76 19.74
CA GLY A 52 -5.88 -9.91 19.88
C GLY A 52 -6.02 -8.82 18.85
N ARG A 53 -5.20 -8.81 17.80
CA ARG A 53 -5.20 -7.75 16.80
C ARG A 53 -5.26 -8.36 15.39
N LYS A 54 -5.74 -7.58 14.42
CA LYS A 54 -5.86 -8.08 13.05
C LYS A 54 -4.51 -8.05 12.32
N VAL A 55 -4.24 -9.08 11.53
CA VAL A 55 -3.00 -9.13 10.75
C VAL A 55 -3.34 -9.58 9.33
N VAL A 56 -2.38 -9.39 8.41
CA VAL A 56 -2.46 -9.86 7.03
C VAL A 56 -1.36 -10.87 6.82
N ILE A 57 -1.69 -12.00 6.18
CA ILE A 57 -0.75 -13.05 5.88
C ILE A 57 -0.63 -13.16 4.37
N LYS A 58 0.59 -13.11 3.85
CA LYS A 58 0.81 -13.21 2.40
C LYS A 58 1.71 -14.40 2.13
N LEU A 59 1.19 -15.38 1.39
CA LEU A 59 1.85 -16.65 1.14
C LEU A 59 2.21 -16.75 -0.32
N GLN A 60 3.44 -17.17 -0.66
CA GLN A 60 3.80 -17.29 -2.07
C GLN A 60 2.83 -18.21 -2.78
N ARG A 61 2.27 -17.78 -3.91
CA ARG A 61 1.45 -18.71 -4.72
C ARG A 61 2.34 -19.78 -5.30
N PRO A 62 2.00 -21.07 -5.17
CA PRO A 62 2.88 -22.10 -5.74
C PRO A 62 2.97 -22.08 -7.23
N ASP A 63 2.03 -21.43 -7.92
CA ASP A 63 2.08 -21.38 -9.38
C ASP A 63 2.77 -20.12 -9.90
N SER A 64 3.47 -19.40 -9.06
CA SER A 64 4.21 -18.18 -9.39
C SER A 64 5.69 -18.35 -9.08
N PRO A 65 6.58 -17.67 -9.80
CA PRO A 65 8.01 -17.78 -9.49
C PRO A 65 8.34 -17.33 -8.08
N ARG A 66 9.11 -18.17 -7.35
CA ARG A 66 9.54 -17.78 -6.02
C ARG A 66 10.34 -16.48 -6.03
N SER A 67 11.08 -16.20 -7.10
CA SER A 67 11.90 -14.99 -7.10
C SER A 67 11.04 -13.74 -7.10
N ASN A 68 9.85 -13.82 -7.70
CA ASN A 68 8.95 -12.67 -7.69
C ASN A 68 8.51 -12.34 -6.27
N PHE A 69 8.10 -13.36 -5.50
CA PHE A 69 7.75 -13.16 -4.09
C PHE A 69 8.93 -12.65 -3.28
N GLU A 70 10.12 -13.20 -3.51
CA GLU A 70 11.29 -12.72 -2.77
C GLU A 70 11.57 -11.26 -3.07
N LYS A 71 11.47 -10.86 -4.35
CA LYS A 71 11.62 -9.43 -4.67
C LYS A 71 10.56 -8.59 -3.98
N GLU A 72 9.30 -9.03 -4.00
CA GLU A 72 8.26 -8.26 -3.33
C GLU A 72 8.55 -8.16 -1.83
N ALA A 73 8.95 -9.28 -1.20
CA ALA A 73 9.23 -9.29 0.23
C ALA A 73 10.40 -8.37 0.59
N GLU A 74 11.46 -8.35 -0.22
CA GLU A 74 12.58 -7.47 0.10
C GLU A 74 12.14 -6.02 0.07
N LEU A 75 11.36 -5.66 -0.95
CA LEU A 75 10.87 -4.29 -1.05
C LEU A 75 9.90 -3.97 0.08
N THR A 76 9.02 -4.93 0.44
CA THR A 76 8.11 -4.74 1.56
C THR A 76 8.88 -4.55 2.86
N LYS A 77 9.97 -5.29 3.06
CA LYS A 77 10.76 -5.11 4.27
C LYS A 77 11.39 -3.72 4.35
N ILE A 78 11.92 -3.22 3.24
CA ILE A 78 12.44 -1.85 3.23
C ILE A 78 11.33 -0.86 3.55
N ALA A 79 10.18 -1.03 2.91
CA ALA A 79 9.07 -0.12 3.17
C ALA A 79 8.60 -0.21 4.62
N SER A 80 8.65 -1.39 5.21
CA SER A 80 8.27 -1.54 6.61
C SER A 80 9.26 -0.84 7.52
N THR A 81 10.56 -0.98 7.23
CA THR A 81 11.59 -0.35 8.05
C THR A 81 11.44 1.16 8.12
N PHE A 82 11.04 1.77 7.01
CA PHE A 82 10.90 3.22 6.95
C PHE A 82 9.47 3.65 7.20
N GLY A 83 8.57 2.72 7.54
CA GLY A 83 7.26 3.12 7.99
C GLY A 83 6.26 3.39 6.90
N VAL A 84 6.62 3.11 5.63
CA VAL A 84 5.74 3.42 4.52
C VAL A 84 4.57 2.43 4.46
N THR A 85 4.82 1.18 4.83
CA THR A 85 3.85 0.09 4.88
C THR A 85 3.75 -0.41 6.32
N PRO A 86 2.63 -1.03 6.72
CA PRO A 86 2.46 -1.41 8.11
C PRO A 86 3.52 -2.42 8.51
N PRO A 87 3.90 -2.45 9.79
CA PRO A 87 5.06 -3.23 10.23
C PRO A 87 4.92 -4.72 9.93
N ILE A 88 6.03 -5.30 9.49
CA ILE A 88 6.12 -6.75 9.40
C ILE A 88 6.24 -7.35 10.78
N ILE A 89 5.40 -8.35 11.07
CA ILE A 89 5.44 -8.99 12.37
C ILE A 89 6.32 -10.21 12.37
N GLY A 90 6.27 -10.97 11.31
CA GLY A 90 7.07 -12.19 11.24
C GLY A 90 7.14 -12.73 9.84
N LEU A 91 8.13 -13.59 9.64
CA LEU A 91 8.30 -14.35 8.43
C LEU A 91 8.20 -15.84 8.76
N GLY A 92 7.94 -16.64 7.73
CA GLY A 92 7.82 -18.06 7.94
C GLY A 92 7.90 -18.80 6.62
N GLU A 93 7.80 -20.12 6.70
CA GLU A 93 7.75 -20.95 5.51
C GLU A 93 6.89 -22.16 5.80
N PHE A 94 6.02 -22.51 4.87
CA PHE A 94 5.15 -23.67 5.05
C PHE A 94 5.18 -24.52 3.79
N GLU A 95 5.58 -25.79 3.92
CA GLU A 95 5.71 -26.69 2.78
C GLU A 95 6.52 -26.05 1.65
N GLY A 96 7.61 -25.39 2.02
CA GLY A 96 8.51 -24.78 1.07
C GLY A 96 8.05 -23.44 0.52
N LEU A 97 6.90 -22.95 0.95
CA LEU A 97 6.40 -21.65 0.48
C LEU A 97 6.67 -20.58 1.53
N PRO A 98 7.41 -19.50 1.24
CA PRO A 98 7.54 -18.43 2.23
C PRO A 98 6.25 -17.65 2.41
N TYR A 99 6.08 -17.10 3.61
CA TYR A 99 4.99 -16.17 3.84
C TYR A 99 5.48 -15.03 4.72
N LEU A 100 4.75 -13.92 4.73
CA LEU A 100 5.03 -12.87 5.68
C LEU A 100 3.72 -12.50 6.38
N ILE A 101 3.85 -12.02 7.61
CA ILE A 101 2.71 -11.56 8.39
C ILE A 101 2.97 -10.11 8.75
N ARG A 102 2.01 -9.24 8.46
CA ARG A 102 2.18 -7.83 8.81
C ARG A 102 0.95 -7.32 9.52
N GLU A 103 1.08 -6.15 10.15
CA GLU A 103 -0.08 -5.58 10.83
C GLU A 103 -1.12 -5.18 9.79
N PHE A 104 -2.38 -5.29 10.18
CA PHE A 104 -3.47 -4.81 9.36
C PHE A 104 -3.71 -3.36 9.77
N ALA A 105 -3.67 -2.46 8.80
CA ALA A 105 -3.89 -1.04 9.07
C ALA A 105 -5.39 -0.72 9.02
N GLU A 106 -5.97 -0.33 10.16
CA GLU A 106 -7.40 -0.03 10.16
C GLU A 106 -7.64 1.26 9.41
N GLY A 107 -8.77 1.33 8.71
CA GLY A 107 -9.01 2.47 7.85
C GLY A 107 -9.56 2.00 6.53
N GLU A 108 -9.59 2.90 5.57
CA GLU A 108 -10.23 2.67 4.30
C GLU A 108 -9.19 2.93 3.21
N PRO A 109 -9.24 2.18 2.12
CA PRO A 109 -8.46 2.58 0.95
C PRO A 109 -8.91 3.95 0.46
N ILE A 110 -7.98 4.72 -0.13
CA ILE A 110 -8.29 6.11 -0.41
C ILE A 110 -9.39 6.19 -1.46
N LEU A 111 -9.56 5.14 -2.26
CA LEU A 111 -10.70 5.08 -3.17
C LEU A 111 -12.03 5.28 -2.46
N PHE A 112 -12.13 4.85 -1.21
CA PHE A 112 -13.38 4.95 -0.47
C PHE A 112 -13.29 5.85 0.75
N ALA A 113 -12.16 6.51 0.96
CA ALA A 113 -11.86 7.16 2.22
C ALA A 113 -12.39 8.59 2.27
N ASP A 114 -12.70 9.06 3.48
CA ASP A 114 -12.90 10.48 3.76
C ASP A 114 -11.54 11.08 4.11
N VAL A 115 -11.07 12.01 3.28
CA VAL A 115 -9.67 12.44 3.33
C VAL A 115 -9.63 13.83 3.93
N GLU A 116 -8.90 14.00 5.04
CA GLU A 116 -8.76 15.27 5.75
C GLU A 116 -7.41 15.91 5.41
N LYS A 117 -7.21 17.17 5.82
CA LYS A 117 -5.98 17.86 5.45
C LYS A 117 -4.74 17.16 6.02
N GLU A 118 -4.82 16.68 7.27
CA GLU A 118 -3.71 15.90 7.82
C GLU A 118 -3.39 14.69 6.95
N HIS A 119 -4.43 14.04 6.37
CA HIS A 119 -4.13 12.89 5.52
C HIS A 119 -3.37 13.29 4.26
N LEU A 120 -3.75 14.43 3.69
CA LEU A 120 -3.06 14.90 2.49
C LEU A 120 -1.59 15.15 2.78
N PHE A 121 -1.29 15.80 3.90
CA PHE A 121 0.12 15.98 4.25
C PHE A 121 0.80 14.64 4.43
N ARG A 122 0.09 13.68 5.06
CA ARG A 122 0.74 12.41 5.35
C ARG A 122 0.98 11.62 4.08
N ILE A 123 0.05 11.70 3.10
CA ILE A 123 0.22 11.03 1.82
C ILE A 123 1.46 11.57 1.12
N VAL A 124 1.67 12.89 1.20
CA VAL A 124 2.88 13.50 0.64
C VAL A 124 4.12 12.95 1.33
N GLU A 125 4.11 12.91 2.66
CA GLU A 125 5.27 12.45 3.40
C GLU A 125 5.59 11.00 3.07
N LYS A 126 4.59 10.13 3.01
CA LYS A 126 4.90 8.72 2.75
C LYS A 126 5.37 8.49 1.31
N THR A 127 4.70 9.13 0.34
CA THR A 127 5.08 8.89 -1.07
C THR A 127 6.43 9.54 -1.38
N ALA A 128 6.69 10.73 -0.85
CA ALA A 128 8.01 11.36 -1.04
C ALA A 128 9.10 10.52 -0.39
N LEU A 129 8.82 9.91 0.77
CA LEU A 129 9.79 9.03 1.41
C LEU A 129 10.07 7.81 0.54
N LEU A 130 9.01 7.13 0.04
CA LEU A 130 9.28 6.00 -0.85
C LEU A 130 10.05 6.44 -2.11
N ASP A 131 9.75 7.63 -2.66
CA ASP A 131 10.54 8.15 -3.78
C ASP A 131 12.02 8.25 -3.39
N ARG A 132 12.29 8.78 -2.18
CA ARG A 132 13.68 8.95 -1.78
C ARG A 132 14.38 7.60 -1.62
N LEU A 133 13.61 6.56 -1.29
CA LEU A 133 14.17 5.21 -1.22
C LEU A 133 14.42 4.59 -2.60
N GLY A 134 14.00 5.25 -3.69
CA GLY A 134 14.25 4.72 -5.03
C GLY A 134 13.36 3.55 -5.38
N ILE A 135 12.24 3.40 -4.68
CA ILE A 135 11.28 2.32 -4.88
C ILE A 135 10.05 2.91 -5.51
N ASP A 136 9.67 2.38 -6.66
CA ASP A 136 8.43 2.82 -7.31
C ASP A 136 7.36 1.79 -6.94
N HIS A 137 6.31 2.24 -6.27
CA HIS A 137 5.28 1.29 -5.80
C HIS A 137 4.59 0.60 -6.97
N GLY A 138 4.18 1.37 -7.98
CA GLY A 138 3.69 0.78 -9.20
C GLY A 138 2.17 0.67 -9.33
N GLN A 139 1.43 0.82 -8.23
CA GLN A 139 -0.02 0.67 -8.28
C GLN A 139 -0.71 1.75 -7.46
N ILE A 140 -0.31 3.01 -7.65
CA ILE A 140 -0.95 4.09 -6.90
C ILE A 140 -2.29 4.41 -7.52
N GLN A 141 -2.34 4.39 -8.86
CA GLN A 141 -3.58 4.71 -9.54
C GLN A 141 -4.63 3.67 -9.19
N GLY A 142 -5.87 4.10 -9.07
CA GLY A 142 -6.97 3.24 -8.70
C GLY A 142 -7.34 3.31 -7.23
N GLY A 143 -6.43 3.76 -6.38
CA GLY A 143 -6.75 4.11 -5.00
C GLY A 143 -6.97 2.94 -4.08
N LYS A 144 -6.60 1.73 -4.47
CA LYS A 144 -6.83 0.57 -3.64
C LYS A 144 -5.64 0.20 -2.77
N HIS A 145 -4.51 0.87 -2.95
CA HIS A 145 -3.25 0.49 -2.29
C HIS A 145 -2.71 1.56 -1.37
N ILE A 146 -3.44 2.64 -1.11
CA ILE A 146 -3.14 3.60 -0.06
C ILE A 146 -4.24 3.49 0.98
N ILE A 147 -3.87 3.19 2.22
CA ILE A 147 -4.84 3.02 3.29
C ILE A 147 -4.85 4.28 4.15
N ILE A 148 -6.03 4.82 4.38
CA ILE A 148 -6.21 6.05 5.14
C ILE A 148 -6.75 5.66 6.51
N GLY A 149 -5.95 5.77 7.57
CA GLY A 149 -6.35 5.30 8.89
C GLY A 149 -5.72 6.16 9.99
N GLU A 150 -5.41 5.52 11.13
CA GLU A 150 -4.62 6.18 12.17
C GLU A 150 -3.32 6.77 11.61
N ASP A 151 -2.74 6.11 10.61
CA ASP A 151 -1.67 6.66 9.80
C ASP A 151 -2.04 6.33 8.37
N VAL A 152 -1.33 6.91 7.44
CA VAL A 152 -1.48 6.57 6.03
C VAL A 152 -0.44 5.54 5.68
N TYR A 153 -0.84 4.49 4.94
CA TYR A 153 0.14 3.51 4.53
C TYR A 153 -0.04 3.16 3.07
N LEU A 154 1.05 2.76 2.42
CA LEU A 154 0.99 2.04 1.15
C LEU A 154 1.09 0.56 1.38
N ILE A 155 0.35 -0.22 0.60
CA ILE A 155 0.38 -1.66 0.77
C ILE A 155 0.58 -2.36 -0.58
N ASP A 156 0.97 -3.63 -0.52
CA ASP A 156 0.92 -4.53 -1.67
C ASP A 156 1.96 -4.15 -2.74
N PHE A 157 3.21 -4.59 -2.56
CA PHE A 157 4.33 -4.20 -3.41
C PHE A 157 4.60 -5.15 -4.57
N GLU A 158 3.59 -5.90 -5.04
CA GLU A 158 3.81 -6.91 -6.07
C GLU A 158 4.31 -6.29 -7.37
N LYS A 159 3.97 -5.03 -7.63
CA LYS A 159 4.41 -4.40 -8.87
C LYS A 159 5.49 -3.36 -8.65
N ALA A 160 6.10 -3.35 -7.47
CA ALA A 160 7.12 -2.39 -7.10
C ALA A 160 8.48 -2.81 -7.63
N GLY A 161 9.40 -1.84 -7.74
CA GLY A 161 10.77 -2.15 -8.17
C GLY A 161 11.68 -0.98 -7.88
N PHE A 162 12.99 -1.25 -7.90
CA PHE A 162 14.00 -0.19 -7.80
C PHE A 162 14.13 0.44 -9.16
N ARG A 163 13.59 1.65 -9.29
CA ARG A 163 13.62 2.38 -10.56
C ARG A 163 13.15 3.80 -10.24
N LYS A 164 13.37 4.73 -11.17
CA LYS A 164 12.96 6.13 -10.94
C LYS A 164 11.50 6.24 -10.50
N PRO A 165 11.26 6.67 -9.27
CA PRO A 165 9.91 6.55 -8.73
C PRO A 165 8.94 7.67 -9.05
N ASN A 166 7.68 7.29 -9.11
CA ASN A 166 6.59 8.18 -9.47
C ASN A 166 5.55 8.25 -8.38
N ASN A 167 5.91 7.96 -7.11
CA ASN A 167 4.87 7.74 -6.11
C ASN A 167 4.19 9.05 -5.77
N LEU A 168 4.97 10.10 -5.55
CA LEU A 168 4.36 11.36 -5.12
C LEU A 168 3.57 11.99 -6.27
N THR A 169 4.17 12.07 -7.45
CA THR A 169 3.45 12.66 -8.56
C THR A 169 2.20 11.87 -8.94
N SER A 170 2.25 10.53 -8.87
CA SER A 170 1.05 9.77 -9.24
C SER A 170 -0.05 9.97 -8.22
N ALA A 171 0.32 10.03 -6.94
CA ALA A 171 -0.68 10.23 -5.89
C ALA A 171 -1.30 11.61 -6.00
N MET A 172 -0.48 12.64 -6.24
CA MET A 172 -1.04 13.99 -6.31
C MET A 172 -1.84 14.20 -7.58
N ALA A 173 -1.39 13.64 -8.71
CA ALA A 173 -2.21 13.71 -9.93
C ALA A 173 -3.56 13.04 -9.70
N MET A 174 -3.57 11.89 -9.03
CA MET A 174 -4.83 11.18 -8.82
C MET A 174 -5.79 11.99 -7.94
N ILE A 175 -5.25 12.69 -6.93
CA ILE A 175 -6.10 13.37 -5.96
C ILE A 175 -6.52 14.76 -6.41
N PHE A 176 -5.68 15.42 -7.23
CA PHE A 176 -5.85 16.84 -7.50
C PHE A 176 -6.00 17.20 -8.96
N ILE A 177 -5.51 16.39 -9.89
CA ILE A 177 -5.47 16.77 -11.30
C ILE A 177 -6.42 15.92 -12.13
N GLY A 178 -6.32 14.60 -12.04
CA GLY A 178 -7.20 13.74 -12.79
C GLY A 178 -8.63 13.88 -12.30
N GLU A 179 -9.58 13.51 -13.16
CA GLU A 179 -10.97 13.59 -12.77
C GLU A 179 -11.42 12.18 -12.42
N ASN A 180 -11.75 11.98 -11.15
CA ASN A 180 -12.15 10.65 -10.70
C ASN A 180 -12.91 10.83 -9.40
N ALA A 181 -13.36 9.71 -8.84
CA ALA A 181 -14.19 9.77 -7.63
C ALA A 181 -13.45 10.40 -6.47
N ILE A 182 -12.13 10.18 -6.37
CA ILE A 182 -11.37 10.71 -5.25
C ILE A 182 -11.18 12.21 -5.39
N SER A 183 -10.72 12.63 -6.58
CA SER A 183 -10.45 14.06 -6.78
C SER A 183 -11.72 14.89 -6.74
N LYS A 184 -12.85 14.32 -7.16
CA LYS A 184 -14.11 15.06 -7.04
C LYS A 184 -14.47 15.31 -5.58
N ARG A 185 -14.38 14.26 -4.73
CA ARG A 185 -14.63 14.43 -3.30
C ARG A 185 -13.72 15.49 -2.70
N VAL A 186 -12.42 15.41 -2.99
CA VAL A 186 -11.44 16.35 -2.44
C VAL A 186 -11.73 17.76 -2.91
N ARG A 187 -12.07 17.91 -4.20
CA ARG A 187 -12.31 19.25 -4.73
C ARG A 187 -13.48 19.92 -4.04
N GLU A 188 -14.58 19.17 -3.87
CA GLU A 188 -15.74 19.74 -3.19
C GLU A 188 -15.47 19.98 -1.71
N LYS A 189 -14.81 19.04 -1.03
CA LYS A 189 -14.56 19.18 0.40
C LYS A 189 -13.73 20.41 0.71
N PHE A 190 -12.72 20.69 -0.11
CA PHE A 190 -11.81 21.78 0.15
C PHE A 190 -12.05 22.99 -0.74
N GLY A 191 -13.15 23.00 -1.49
CA GLY A 191 -13.46 24.11 -2.36
C GLY A 191 -12.31 24.49 -3.27
N LEU A 192 -11.74 23.50 -3.93
CA LEU A 192 -10.59 23.74 -4.79
C LEU A 192 -11.04 24.26 -6.16
N ASP A 193 -10.34 25.27 -6.66
CA ASP A 193 -10.73 25.92 -7.90
C ASP A 193 -9.59 25.84 -8.91
N GLU A 194 -9.81 26.54 -10.04
CA GLU A 194 -8.90 26.42 -11.17
C GLU A 194 -7.51 26.95 -10.84
N LYS A 195 -7.44 28.10 -10.16
CA LYS A 195 -6.16 28.63 -9.75
C LYS A 195 -5.39 27.63 -8.89
N PHE A 196 -6.11 26.92 -8.00
CA PHE A 196 -5.44 25.91 -7.19
C PHE A 196 -4.83 24.83 -8.05
N ARG A 197 -5.60 24.33 -9.02
CA ARG A 197 -5.08 23.30 -9.91
C ARG A 197 -3.85 23.78 -10.65
N GLU A 198 -3.85 25.01 -11.12
CA GLU A 198 -2.67 25.49 -11.85
C GLU A 198 -1.46 25.58 -10.94
N GLU A 199 -1.64 26.10 -9.71
CA GLU A 199 -0.55 26.10 -8.73
C GLU A 199 -0.09 24.67 -8.43
N MET A 200 -1.03 23.71 -8.34
CA MET A 200 -0.65 22.33 -8.08
C MET A 200 0.18 21.77 -9.22
N LYS A 201 -0.23 22.03 -10.46
CA LYS A 201 0.58 21.60 -11.58
C LYS A 201 1.99 22.22 -11.49
N ASP A 202 2.08 23.49 -11.09
CA ASP A 202 3.39 24.11 -10.91
C ASP A 202 4.17 23.43 -9.79
N ALA A 203 3.51 23.15 -8.66
CA ALA A 203 4.18 22.52 -7.53
C ALA A 203 4.73 21.15 -7.91
N LEU A 204 4.00 20.39 -8.72
CA LEU A 204 4.43 19.04 -9.08
C LEU A 204 5.59 19.08 -10.06
N ARG A 205 5.54 20.03 -11.01
CA ARG A 205 6.65 20.21 -11.93
C ARG A 205 7.91 20.55 -11.16
N HIS A 206 7.79 21.46 -10.19
CA HIS A 206 8.90 21.85 -9.35
C HIS A 206 9.49 20.62 -8.66
N TYR A 207 8.61 19.81 -8.06
CA TYR A 207 9.07 18.57 -7.44
C TYR A 207 9.78 17.66 -8.45
N LYS A 208 9.19 17.44 -9.63
CA LYS A 208 9.83 16.60 -10.64
C LYS A 208 11.23 17.12 -11.00
N ARG A 209 11.41 18.43 -11.04
CA ARG A 209 12.68 18.95 -11.51
C ARG A 209 13.74 19.02 -10.40
N THR A 210 13.33 19.37 -9.18
CA THR A 210 14.25 19.69 -8.12
C THR A 210 14.21 18.73 -6.96
N GLY A 211 13.16 17.90 -6.87
CA GLY A 211 12.88 17.12 -5.70
C GLY A 211 12.33 17.91 -4.54
N SER A 212 12.04 19.21 -4.72
CA SER A 212 11.58 20.10 -3.65
C SER A 212 10.09 19.93 -3.38
N LEU A 213 9.75 19.82 -2.10
CA LEU A 213 8.36 19.83 -1.63
C LEU A 213 7.89 21.23 -1.26
N SER A 214 8.75 22.26 -1.38
CA SER A 214 8.39 23.57 -0.82
C SER A 214 7.06 24.07 -1.37
N ARG A 215 6.90 24.02 -2.70
CA ARG A 215 5.69 24.59 -3.32
C ARG A 215 4.46 23.74 -2.98
N LEU A 216 4.62 22.41 -2.96
CA LEU A 216 3.51 21.54 -2.66
C LEU A 216 3.03 21.75 -1.23
N LEU A 217 3.98 21.81 -0.28
CA LEU A 217 3.58 21.95 1.13
C LEU A 217 2.99 23.31 1.38
N SER A 218 3.56 24.35 0.74
CA SER A 218 2.97 25.67 0.84
C SER A 218 1.50 25.65 0.40
N LEU A 219 1.22 24.96 -0.70
CA LEU A 219 -0.12 24.94 -1.23
C LEU A 219 -1.07 24.15 -0.32
N LEU A 220 -0.67 22.97 0.16
CA LEU A 220 -1.52 22.18 1.05
C LEU A 220 -1.75 22.86 2.38
N SER A 221 -0.80 23.69 2.82
CA SER A 221 -0.95 24.36 4.10
C SER A 221 -2.09 25.37 4.07
N GLY A 222 -2.56 25.73 2.87
CA GLY A 222 -3.66 26.66 2.75
C GLY A 222 -5.02 26.02 2.82
N LEU A 223 -5.06 24.70 2.85
CA LEU A 223 -6.30 23.97 2.90
C LEU A 223 -6.95 24.08 4.28
O5' GMP B . -5.05 -5.66 -0.91
C5' GMP B . -6.09 -5.01 -1.64
C4' GMP B . -7.23 -4.62 -0.72
O4' GMP B . -7.19 -5.41 0.50
C3' GMP B . -7.24 -3.18 -0.25
O3' GMP B . -7.75 -2.26 -1.20
C2' GMP B . -8.04 -3.26 1.05
O2' GMP B . -9.43 -3.34 0.79
C1' GMP B . -7.59 -4.61 1.60
N9 GMP B . -6.44 -4.47 2.52
C8 GMP B . -5.26 -5.12 2.47
N7 GMP B . -4.43 -4.77 3.48
C5 GMP B . -5.10 -3.86 4.21
C6 GMP B . -4.83 -3.07 5.42
O6 GMP B . -3.74 -3.18 6.02
N1 GMP B . -5.79 -2.22 5.85
C2 GMP B . -7.00 -2.08 5.25
N2 GMP B . -7.90 -1.22 5.79
N3 GMP B . -7.30 -2.78 4.12
C4 GMP B . -6.42 -3.67 3.57
#